data_3KFG
#
_entry.id   3KFG
#
_cell.length_a   47.697
_cell.length_b   53.743
_cell.length_c   60.946
_cell.angle_alpha   90.000
_cell.angle_beta   90.000
_cell.angle_gamma   90.000
#
_symmetry.space_group_name_H-M   'P 21 21 21'
#
loop_
_entity.id
_entity.type
_entity.pdbx_description
1 polymer 'Major urinary protein 4'
2 non-polymer 'CHLORIDE ION'
3 non-polymer (2S)-2-ethylhexan-1-ol
4 non-polymer heptan-2-one
5 water water
#
_entity_poly.entity_id   1
_entity_poly.type   'polypeptide(L)'
_entity_poly.pdbx_seq_one_letter_code
;EEATSKGQNLNVEKINGEWFSILLASDKREKIEEHGSMRVFVEHIHVLENSLAFKFHTVIDGECSEIFLVADKTEKAGEY
SVMYDGFNTFTILKTDYDNYIMFHLINEKDGKTFQLMELYGRKADLNSDIKEKFVKLCEEHGIIKENIIDLTKTNRCLKA
RE
;
_entity_poly.pdbx_strand_id   A
#
# COMPACT_ATOMS: atom_id res chain seq x y z
N LEU A 10 17.22 -0.14 7.35
CA LEU A 10 16.59 -0.82 6.21
C LEU A 10 17.50 -0.75 5.00
N ASN A 11 17.67 -1.86 4.31
CA ASN A 11 18.40 -1.88 3.07
C ASN A 11 17.39 -1.83 1.94
N VAL A 12 17.11 -0.63 1.47
CA VAL A 12 15.94 -0.44 0.60
C VAL A 12 16.09 -1.22 -0.73
N GLU A 13 17.30 -1.44 -1.23
CA GLU A 13 17.46 -2.26 -2.42
C GLU A 13 16.78 -3.61 -2.33
N LYS A 14 16.69 -4.16 -1.12
CA LYS A 14 16.20 -5.50 -0.93
C LYS A 14 14.67 -5.58 -1.01
N ILE A 15 14.01 -4.44 -1.13
CA ILE A 15 12.55 -4.46 -1.35
C ILE A 15 12.25 -4.49 -2.85
N ASN A 16 13.27 -4.48 -3.69
CA ASN A 16 13.02 -4.50 -5.16
C ASN A 16 12.24 -5.75 -5.59
N GLY A 17 11.37 -5.63 -6.58
CA GLY A 17 10.81 -6.78 -7.22
C GLY A 17 9.31 -6.85 -7.19
N GLU A 18 8.81 -8.05 -7.32
CA GLU A 18 7.40 -8.32 -7.36
C GLU A 18 6.81 -8.48 -5.98
N TRP A 19 5.63 -7.90 -5.80
CA TRP A 19 4.87 -7.95 -4.55
C TRP A 19 3.40 -8.11 -4.86
N PHE A 20 2.62 -8.55 -3.88
CA PHE A 20 1.16 -8.61 -3.97
C PHE A 20 0.57 -7.86 -2.80
N SER A 21 -0.55 -7.18 -3.02
CA SER A 21 -1.33 -6.49 -1.96
C SER A 21 -2.19 -7.50 -1.24
N ILE A 22 -2.07 -7.53 0.10
CA ILE A 22 -2.75 -8.51 0.91
C ILE A 22 -3.76 -7.84 1.83
N LEU A 23 -3.32 -6.94 2.72
CA LEU A 23 -4.26 -6.20 3.60
C LEU A 23 -4.12 -4.73 3.35
N LEU A 24 -5.24 -4.00 3.42
CA LEU A 24 -5.32 -2.59 3.10
C LEU A 24 -6.18 -1.92 4.15
N ALA A 25 -5.67 -0.88 4.74
CA ALA A 25 -6.30 -0.28 5.93
C ALA A 25 -6.22 1.24 5.88
N SER A 26 -7.30 1.90 6.32
CA SER A 26 -7.32 3.34 6.46
C SER A 26 -8.22 3.81 7.55
N ASP A 27 -7.87 4.96 8.15
CA ASP A 27 -8.84 5.69 9.00
C ASP A 27 -9.95 6.49 8.27
N LYS A 28 -9.94 6.43 6.93
CA LYS A 28 -10.99 6.99 6.10
C LYS A 28 -11.42 5.84 5.16
N ARG A 29 -12.35 5.01 5.63
CA ARG A 29 -12.68 3.76 4.98
C ARG A 29 -13.09 3.87 3.56
N GLU A 30 -13.81 4.96 3.23
CA GLU A 30 -14.24 5.17 1.84
C GLU A 30 -13.11 5.10 0.82
N LYS A 31 -11.89 5.51 1.23
CA LYS A 31 -10.80 5.59 0.27
C LYS A 31 -10.28 4.20 -0.16
N ILE A 32 -10.58 3.18 0.65
CA ILE A 32 -10.10 1.84 0.33
C ILE A 32 -11.22 0.86 0.00
N GLU A 33 -12.45 1.34 0.03
CA GLU A 33 -13.60 0.58 -0.46
C GLU A 33 -13.58 0.49 -1.97
N GLU A 34 -14.48 -0.30 -2.53
N GLU A 34 -14.44 -0.36 -2.52
CA GLU A 34 -14.39 -0.79 -3.89
CA GLU A 34 -14.62 -0.40 -3.95
C GLU A 34 -14.13 0.20 -5.02
C GLU A 34 -14.83 0.99 -4.43
N HIS A 35 -14.66 1.43 -4.89
N HIS A 35 -14.23 1.30 -5.56
CA HIS A 35 -14.46 2.53 -5.86
CA HIS A 35 -14.31 2.62 -6.13
C HIS A 35 -13.54 3.68 -5.39
N GLY A 36 -12.83 3.37 -4.31
CA GLY A 36 -11.96 4.32 -3.66
C GLY A 36 -10.63 4.47 -4.38
N SER A 37 -10.05 5.67 -4.31
CA SER A 37 -8.81 5.96 -5.05
C SER A 37 -7.64 5.13 -4.56
N MET A 38 -7.72 4.72 -3.30
CA MET A 38 -6.54 4.06 -2.74
C MET A 38 -6.72 2.52 -2.80
N ARG A 39 -7.77 2.03 -3.44
CA ARG A 39 -7.97 0.58 -3.58
C ARG A 39 -7.16 0.14 -4.79
N VAL A 40 -5.87 -0.08 -4.54
CA VAL A 40 -4.88 -0.37 -5.58
C VAL A 40 -4.10 -1.61 -5.17
N PHE A 41 -3.61 -2.31 -6.18
CA PHE A 41 -3.01 -3.62 -5.97
C PHE A 41 -1.64 -3.63 -6.54
N VAL A 42 -0.62 -3.76 -5.72
CA VAL A 42 0.76 -3.57 -6.18
C VAL A 42 1.20 -4.76 -7.03
N GLU A 43 1.96 -4.50 -8.06
CA GLU A 43 2.63 -5.57 -8.82
C GLU A 43 4.14 -5.55 -8.61
N HIS A 44 4.73 -4.37 -8.62
CA HIS A 44 6.18 -4.30 -8.36
C HIS A 44 6.64 -2.99 -7.76
N ILE A 45 7.82 -3.05 -7.13
CA ILE A 45 8.53 -1.90 -6.64
C ILE A 45 9.91 -1.93 -7.23
N HIS A 46 10.28 -0.93 -8.00
CA HIS A 46 11.65 -0.84 -8.49
C HIS A 46 12.40 0.26 -7.76
N VAL A 47 13.50 -0.12 -7.13
CA VAL A 47 14.34 0.75 -6.35
C VAL A 47 15.33 1.47 -7.25
N LEU A 48 15.20 2.80 -7.26
CA LEU A 48 16.10 3.64 -8.05
C LEU A 48 16.93 4.45 -7.07
N GLU A 49 17.86 5.22 -7.62
CA GLU A 49 18.79 5.92 -6.77
C GLU A 49 18.13 6.75 -5.68
N ASN A 50 17.17 7.59 -6.05
CA ASN A 50 16.55 8.43 -5.00
C ASN A 50 15.06 8.38 -5.11
N SER A 51 14.55 7.22 -5.52
CA SER A 51 13.10 7.06 -5.68
C SER A 51 12.71 5.57 -5.67
N LEU A 52 11.42 5.31 -5.58
CA LEU A 52 10.82 4.01 -5.74
C LEU A 52 9.76 4.08 -6.81
N ALA A 53 9.83 3.20 -7.80
CA ALA A 53 8.88 3.17 -8.90
C ALA A 53 7.92 2.01 -8.69
N PHE A 54 6.62 2.33 -8.60
CA PHE A 54 5.60 1.34 -8.31
C PHE A 54 4.78 1.11 -9.54
N LYS A 55 4.35 -0.11 -9.77
CA LYS A 55 3.25 -0.43 -10.68
C LYS A 55 2.14 -1.04 -9.87
N PHE A 56 0.93 -0.54 -10.10
CA PHE A 56 -0.29 -1.07 -9.48
C PHE A 56 -1.31 -1.47 -10.55
N HIS A 57 -2.29 -2.25 -10.13
CA HIS A 57 -3.60 -2.27 -10.77
C HIS A 57 -4.68 -1.69 -9.87
N THR A 58 -5.78 -1.29 -10.51
CA THR A 58 -6.99 -0.92 -9.81
C THR A 58 -8.17 -1.29 -10.73
N VAL A 59 -9.33 -1.39 -10.14
CA VAL A 59 -10.55 -1.71 -10.89
C VAL A 59 -11.35 -0.46 -11.08
N ILE A 60 -11.64 -0.13 -12.32
CA ILE A 60 -12.47 1.04 -12.58
C ILE A 60 -13.69 0.56 -13.36
N ASP A 61 -14.88 0.77 -12.81
CA ASP A 61 -16.13 0.27 -13.43
C ASP A 61 -16.03 -1.21 -13.81
N GLY A 62 -15.45 -1.99 -12.90
CA GLY A 62 -15.38 -3.42 -13.05
C GLY A 62 -14.28 -3.97 -13.94
N GLU A 63 -13.43 -3.09 -14.46
CA GLU A 63 -12.38 -3.46 -15.39
C GLU A 63 -10.97 -3.12 -14.78
N CYS A 64 -10.05 -4.05 -14.95
CA CYS A 64 -8.70 -3.85 -14.43
C CYS A 64 -7.93 -2.84 -15.24
N SER A 65 -7.13 -2.03 -14.56
CA SER A 65 -6.43 -0.91 -15.19
C SER A 65 -5.13 -0.73 -14.44
N GLU A 66 -4.13 -0.18 -15.07
CA GLU A 66 -2.80 0.05 -14.47
C GLU A 66 -2.55 1.48 -13.97
N ILE A 67 -1.74 1.64 -12.94
CA ILE A 67 -1.32 2.92 -12.42
C ILE A 67 0.16 2.75 -12.14
N PHE A 68 0.97 3.69 -12.59
CA PHE A 68 2.39 3.73 -12.36
C PHE A 68 2.70 5.01 -11.62
N LEU A 69 3.46 4.89 -10.55
CA LEU A 69 3.79 6.02 -9.69
C LEU A 69 5.24 5.96 -9.34
N VAL A 70 5.89 7.12 -9.28
CA VAL A 70 7.26 7.21 -8.78
C VAL A 70 7.25 8.10 -7.52
N ALA A 71 7.81 7.57 -6.44
CA ALA A 71 7.90 8.28 -5.18
C ALA A 71 9.34 8.72 -4.96
N ASP A 72 9.50 9.98 -4.62
CA ASP A 72 10.82 10.56 -4.39
C ASP A 72 11.21 10.53 -2.91
N LYS A 73 12.50 10.33 -2.63
CA LYS A 73 12.97 10.53 -1.27
C LYS A 73 12.71 11.95 -0.86
N THR A 74 12.35 12.15 0.41
CA THR A 74 12.17 13.54 0.86
C THR A 74 13.37 13.88 1.72
N GLU A 75 13.32 15.03 2.37
CA GLU A 75 14.38 15.47 3.25
C GLU A 75 14.43 14.68 4.54
N LYS A 76 13.34 14.05 4.93
CA LYS A 76 13.33 13.17 6.08
C LYS A 76 13.78 11.79 5.65
N ALA A 77 14.78 11.26 6.35
CA ALA A 77 15.28 9.95 6.00
C ALA A 77 14.16 8.94 6.20
N GLY A 78 14.10 7.97 5.30
CA GLY A 78 13.09 6.95 5.33
C GLY A 78 11.78 7.36 4.68
N GLU A 79 11.57 8.64 4.48
CA GLU A 79 10.31 9.11 3.95
C GLU A 79 10.35 9.38 2.43
N TYR A 80 9.28 8.98 1.78
CA TYR A 80 9.10 9.20 0.33
C TYR A 80 7.81 9.99 0.08
N SER A 81 7.70 10.67 -1.07
CA SER A 81 6.50 11.41 -1.39
C SER A 81 6.11 11.22 -2.82
N VAL A 82 4.80 11.25 -3.03
CA VAL A 82 4.25 11.04 -4.35
C VAL A 82 2.90 11.71 -4.48
N MET A 83 2.61 12.32 -5.63
CA MET A 83 1.31 12.94 -5.88
C MET A 83 0.39 11.90 -6.50
N TYR A 84 -0.73 11.67 -5.84
CA TYR A 84 -1.75 10.76 -6.31
C TYR A 84 -2.96 11.07 -5.46
N ASP A 85 -4.04 11.57 -6.06
CA ASP A 85 -5.23 11.99 -5.33
C ASP A 85 -4.85 12.91 -4.14
N GLY A 86 -4.06 13.91 -4.38
CA GLY A 86 -3.46 14.81 -3.42
C GLY A 86 -1.99 14.43 -3.21
N PHE A 87 -1.48 14.83 -2.05
CA PHE A 87 -0.07 14.71 -1.78
C PHE A 87 0.15 13.68 -0.69
N ASN A 88 0.95 12.66 -1.00
CA ASN A 88 1.24 11.55 -0.08
C ASN A 88 2.66 11.51 0.37
N THR A 89 2.81 11.17 1.65
CA THR A 89 4.14 10.84 2.20
C THR A 89 4.03 9.48 2.82
N PHE A 90 5.06 8.67 2.67
CA PHE A 90 5.07 7.35 3.31
C PHE A 90 6.40 6.92 3.77
N THR A 91 6.35 5.95 4.68
CA THR A 91 7.51 5.24 5.18
C THR A 91 7.28 3.76 5.18
N ILE A 92 8.37 3.00 5.39
CA ILE A 92 8.30 1.57 5.54
C ILE A 92 8.33 1.35 7.04
N LEU A 93 7.37 0.61 7.53
CA LEU A 93 7.31 0.30 8.97
C LEU A 93 8.09 -0.97 9.35
N LYS A 94 7.88 -2.09 8.65
CA LYS A 94 8.47 -3.43 9.00
C LYS A 94 8.64 -4.14 7.66
N THR A 95 9.71 -4.92 7.52
CA THR A 95 9.88 -5.83 6.39
C THR A 95 10.90 -6.90 6.79
N ASP A 96 10.78 -8.05 6.16
CA ASP A 96 11.87 -9.03 6.12
C ASP A 96 12.42 -9.27 4.70
N TYR A 97 11.97 -8.45 3.76
CA TYR A 97 12.41 -8.38 2.36
C TYR A 97 11.87 -9.51 1.54
N ASP A 98 11.97 -10.75 2.03
CA ASP A 98 11.61 -11.87 1.22
C ASP A 98 10.23 -12.45 1.45
N ASN A 99 9.44 -11.84 2.36
CA ASN A 99 8.07 -12.34 2.56
C ASN A 99 7.08 -11.19 2.67
N TYR A 100 7.31 -10.27 3.59
CA TYR A 100 6.37 -9.19 3.84
C TYR A 100 6.99 -7.82 3.91
N ILE A 101 6.16 -6.81 3.66
CA ILE A 101 6.50 -5.42 3.89
C ILE A 101 5.24 -4.66 4.30
N MET A 102 5.41 -3.74 5.24
CA MET A 102 4.32 -2.93 5.75
C MET A 102 4.65 -1.46 5.49
N PHE A 103 3.73 -0.73 4.86
CA PHE A 103 3.89 0.69 4.58
C PHE A 103 2.89 1.50 5.39
N HIS A 104 3.31 2.71 5.76
CA HIS A 104 2.42 3.69 6.40
C HIS A 104 2.48 4.96 5.55
N LEU A 105 1.30 5.44 5.17
CA LEU A 105 1.17 6.60 4.28
C LEU A 105 0.21 7.64 4.89
N ILE A 106 0.53 8.90 4.67
CA ILE A 106 -0.35 10.02 4.96
C ILE A 106 -0.67 10.73 3.66
N ASN A 107 -1.95 10.86 3.40
CA ASN A 107 -2.46 11.65 2.30
C ASN A 107 -2.97 12.98 2.76
N GLU A 108 -2.62 14.01 2.01
CA GLU A 108 -3.22 15.34 2.20
C GLU A 108 -3.96 15.81 0.98
N LYS A 109 -5.16 16.37 1.19
CA LYS A 109 -5.95 16.95 0.11
C LYS A 109 -6.89 17.91 0.73
N ASP A 110 -6.89 19.13 0.23
CA ASP A 110 -7.68 20.20 0.75
C ASP A 110 -7.43 20.51 2.23
N GLY A 111 -6.20 20.27 2.66
CA GLY A 111 -5.77 20.49 4.03
C GLY A 111 -6.24 19.48 5.05
N LYS A 112 -6.88 18.43 4.54
CA LYS A 112 -7.36 17.34 5.36
C LYS A 112 -6.44 16.16 5.12
N THR A 113 -6.28 15.31 6.12
CA THR A 113 -5.42 14.15 5.98
C THR A 113 -6.15 12.86 6.39
N PHE A 114 -5.58 11.77 5.91
CA PHE A 114 -5.93 10.42 6.40
C PHE A 114 -4.70 9.51 6.20
N GLN A 115 -4.72 8.43 6.95
CA GLN A 115 -3.69 7.42 6.92
C GLN A 115 -4.15 6.23 6.08
N LEU A 116 -3.18 5.63 5.41
CA LEU A 116 -3.25 4.31 4.74
C LEU A 116 -2.16 3.42 5.31
N MET A 117 -2.52 2.16 5.63
CA MET A 117 -1.49 1.21 5.92
C MET A 117 -1.68 0.04 4.93
N GLU A 118 -0.58 -0.55 4.50
CA GLU A 118 -0.59 -1.60 3.52
C GLU A 118 0.34 -2.72 3.92
N LEU A 119 -0.17 -3.94 3.81
CA LEU A 119 0.64 -5.14 3.96
C LEU A 119 0.79 -5.83 2.57
N TYR A 120 2.04 -5.97 2.11
CA TYR A 120 2.27 -6.66 0.86
C TYR A 120 3.01 -7.95 1.19
N GLY A 121 2.89 -8.89 0.27
CA GLY A 121 3.59 -10.16 0.38
C GLY A 121 4.31 -10.52 -0.92
N ARG A 122 5.35 -11.32 -0.83
CA ARG A 122 6.05 -11.82 -2.03
C ARG A 122 5.24 -12.84 -2.80
N LYS A 123 4.32 -13.48 -2.09
CA LYS A 123 3.30 -14.36 -2.63
C LYS A 123 1.92 -13.73 -2.42
N ALA A 124 0.90 -14.35 -3.05
CA ALA A 124 -0.45 -13.77 -3.05
C ALA A 124 -1.18 -13.81 -1.72
N ASP A 125 -0.64 -14.50 -0.73
CA ASP A 125 -1.17 -14.46 0.60
C ASP A 125 -0.02 -14.52 1.60
N LEU A 126 -0.37 -14.23 2.87
CA LEU A 126 0.55 -14.34 4.01
C LEU A 126 -0.20 -15.09 5.13
N ASN A 127 0.56 -15.70 6.03
CA ASN A 127 -0.03 -16.42 7.12
C ASN A 127 -0.71 -15.52 8.13
N SER A 128 -1.45 -16.18 9.02
CA SER A 128 -2.29 -15.52 9.99
C SER A 128 -1.51 -14.74 11.03
N ASP A 129 -0.34 -15.26 11.36
CA ASP A 129 0.52 -14.58 12.32
C ASP A 129 0.95 -13.20 11.83
N ILE A 130 1.47 -13.13 10.61
CA ILE A 130 1.89 -11.85 10.04
C ILE A 130 0.69 -10.92 9.85
N LYS A 131 -0.44 -11.47 9.41
CA LYS A 131 -1.62 -10.61 9.23
C LYS A 131 -2.05 -10.02 10.58
N GLU A 132 -2.10 -10.85 11.60
CA GLU A 132 -2.50 -10.38 12.93
C GLU A 132 -1.56 -9.29 13.47
N LYS A 133 -0.25 -9.47 13.26
CA LYS A 133 0.68 -8.43 13.60
C LYS A 133 0.40 -7.10 12.91
N PHE A 134 0.07 -7.19 11.63
CA PHE A 134 -0.31 -6.00 10.89
C PHE A 134 -1.54 -5.38 11.45
N VAL A 135 -2.51 -6.21 11.78
CA VAL A 135 -3.76 -5.66 12.38
C VAL A 135 -3.50 -4.89 13.70
N LYS A 136 -2.60 -5.42 14.52
CA LYS A 136 -2.31 -4.72 15.76
C LYS A 136 -1.57 -3.39 15.48
N LEU A 137 -0.71 -3.39 14.45
CA LEU A 137 0.03 -2.15 14.09
C LEU A 137 -0.94 -1.09 13.56
N CYS A 138 -1.93 -1.52 12.78
CA CYS A 138 -2.97 -0.62 12.33
C CYS A 138 -3.62 0.00 13.58
N GLU A 139 -4.03 -0.84 14.52
CA GLU A 139 -4.75 -0.35 15.72
C GLU A 139 -3.92 0.61 16.53
N GLU A 140 -2.63 0.41 16.54
CA GLU A 140 -1.67 1.32 17.22
C GLU A 140 -1.66 2.72 16.59
N HIS A 141 -2.09 2.75 15.32
CA HIS A 141 -2.20 3.97 14.57
C HIS A 141 -3.61 4.53 14.48
N GLY A 142 -4.52 3.98 15.25
CA GLY A 142 -5.87 4.48 15.31
C GLY A 142 -6.75 3.95 14.21
N ILE A 143 -6.25 2.94 13.49
CA ILE A 143 -7.02 2.35 12.40
C ILE A 143 -7.68 1.12 13.01
N ILE A 144 -8.97 1.17 13.15
CA ILE A 144 -9.71 0.14 13.87
C ILE A 144 -9.88 -1.11 12.99
N LYS A 145 -10.15 -2.24 13.63
CA LYS A 145 -10.18 -3.52 12.95
C LYS A 145 -11.15 -3.53 11.75
N GLU A 146 -12.27 -2.85 11.91
CA GLU A 146 -13.32 -2.83 10.91
C GLU A 146 -12.87 -2.08 9.63
N ASN A 147 -11.76 -1.34 9.74
CA ASN A 147 -11.25 -0.50 8.64
C ASN A 147 -10.02 -1.15 7.98
N ILE A 148 -9.90 -2.46 8.12
CA ILE A 148 -8.84 -3.26 7.56
C ILE A 148 -9.49 -4.30 6.68
N ILE A 149 -9.15 -4.27 5.39
CA ILE A 149 -9.77 -5.09 4.39
C ILE A 149 -8.77 -6.17 3.88
N ASP A 150 -9.29 -7.39 3.82
CA ASP A 150 -8.51 -8.52 3.36
C ASP A 150 -8.72 -8.60 1.85
N LEU A 151 -7.73 -8.10 1.12
CA LEU A 151 -7.85 -8.01 -0.35
C LEU A 151 -7.76 -9.37 -1.05
N THR A 152 -7.42 -10.43 -0.35
CA THR A 152 -7.45 -11.75 -0.97
C THR A 152 -8.88 -12.17 -1.32
N LYS A 153 -9.88 -11.52 -0.71
CA LYS A 153 -11.30 -11.79 -0.95
C LYS A 153 -11.91 -10.70 -1.80
N THR A 154 -11.09 -10.10 -2.67
CA THR A 154 -11.51 -9.03 -3.56
C THR A 154 -10.89 -9.34 -4.92
N ASN A 155 -11.35 -8.62 -5.92
CA ASN A 155 -10.69 -8.61 -7.19
C ASN A 155 -9.39 -7.80 -7.11
N ARG A 156 -8.27 -8.49 -7.12
CA ARG A 156 -6.93 -7.86 -7.10
C ARG A 156 -6.30 -7.79 -8.50
N CYS A 157 -7.09 -8.08 -9.52
CA CYS A 157 -6.58 -8.02 -10.88
C CYS A 157 -5.39 -8.94 -11.09
N LEU A 158 -5.39 -10.09 -10.43
CA LEU A 158 -4.24 -10.94 -10.51
C LEU A 158 -4.03 -11.42 -11.92
N LYS A 159 -5.15 -11.51 -12.66
CA LYS A 159 -5.10 -11.99 -14.03
C LYS A 159 -4.47 -10.97 -14.95
N ALA A 160 -4.47 -9.69 -14.58
CA ALA A 160 -3.82 -8.64 -15.38
C ALA A 160 -2.31 -8.58 -15.17
N ARG A 161 -1.80 -9.31 -14.19
CA ARG A 161 -0.41 -9.18 -13.83
C ARG A 161 0.56 -9.68 -14.92
#